data_3TCI
# 
_entry.id   3TCI 
# 
_audit_conform.dict_name       mmcif_pdbx.dic 
_audit_conform.dict_version    5.388 
_audit_conform.dict_location   http://mmcif.pdb.org/dictionaries/ascii/mmcif_pdbx.dic 
# 
loop_
_database_2.database_id 
_database_2.database_code 
_database_2.pdbx_database_accession 
_database_2.pdbx_DOI 
PDB   3TCI         pdb_00003tci 10.2210/pdb3tci/pdb 
NDB   NA1264       ?            ?                   
RCSB  RCSB067312   ?            ?                   
WWPDB D_1000067312 ?            ?                   
# 
loop_
_pdbx_audit_revision_history.ordinal 
_pdbx_audit_revision_history.data_content_type 
_pdbx_audit_revision_history.major_revision 
_pdbx_audit_revision_history.minor_revision 
_pdbx_audit_revision_history.revision_date 
1 'Structure model' 1 0 2011-10-05 
2 'Structure model' 1 1 2024-03-20 
# 
_pdbx_audit_revision_details.ordinal             1 
_pdbx_audit_revision_details.revision_ordinal    1 
_pdbx_audit_revision_details.data_content_type   'Structure model' 
_pdbx_audit_revision_details.provider            repository 
_pdbx_audit_revision_details.type                'Initial release' 
_pdbx_audit_revision_details.description         ? 
_pdbx_audit_revision_details.details             ? 
# 
loop_
_pdbx_audit_revision_group.ordinal 
_pdbx_audit_revision_group.revision_ordinal 
_pdbx_audit_revision_group.data_content_type 
_pdbx_audit_revision_group.group 
1 2 'Structure model' 'Data collection'     
2 2 'Structure model' 'Database references' 
# 
loop_
_pdbx_audit_revision_category.ordinal 
_pdbx_audit_revision_category.revision_ordinal 
_pdbx_audit_revision_category.data_content_type 
_pdbx_audit_revision_category.category 
1 2 'Structure model' chem_comp_atom 
2 2 'Structure model' chem_comp_bond 
3 2 'Structure model' database_2     
# 
loop_
_pdbx_audit_revision_item.ordinal 
_pdbx_audit_revision_item.revision_ordinal 
_pdbx_audit_revision_item.data_content_type 
_pdbx_audit_revision_item.item 
1 2 'Structure model' '_database_2.pdbx_DOI'                
2 2 'Structure model' '_database_2.pdbx_database_accession' 
# 
_pdbx_database_status.status_code                     REL 
_pdbx_database_status.entry_id                        3TCI 
_pdbx_database_status.recvd_initial_deposition_date   2011-08-09 
_pdbx_database_status.deposit_site                    RCSB 
_pdbx_database_status.process_site                    PDBJ 
_pdbx_database_status.status_code_sf                  REL 
_pdbx_database_status.status_code_mr                  ? 
_pdbx_database_status.SG_entry                        ? 
_pdbx_database_status.status_code_cs                  ? 
_pdbx_database_status.pdb_format_compatible           Y 
_pdbx_database_status.status_code_nmr_data            ? 
_pdbx_database_status.methods_development_category    ? 
# 
loop_
_audit_author.name 
_audit_author.pdbx_ordinal 
'Venkadesh, S.' 1 
'Mandal, P.K.'  2 
'Gautham, N.'   3 
# 
_citation.id                        primary 
_citation.title                     'Crystal structure of the decameric sequence d(CGGGCGCCCG) as Z type duplex' 
_citation.journal_abbrev            'To be Published' 
_citation.journal_volume            ? 
_citation.page_first                ? 
_citation.page_last                 ? 
_citation.year                      ? 
_citation.journal_id_ASTM           ? 
_citation.country                   ? 
_citation.journal_id_ISSN           ? 
_citation.journal_id_CSD            0353 
_citation.book_publisher            ? 
_citation.pdbx_database_id_PubMed   ? 
_citation.pdbx_database_id_DOI      ? 
# 
loop_
_citation_author.citation_id 
_citation_author.name 
_citation_author.ordinal 
_citation_author.identifier_ORCID 
primary 'Venkadesh, S.' 1 ? 
primary 'Mandal, P.K.'  2 ? 
primary 'Gautham, N.'   3 ? 
# 
loop_
_entity.id 
_entity.type 
_entity.src_method 
_entity.pdbx_description 
_entity.formula_weight 
_entity.pdbx_number_of_molecules 
_entity.pdbx_ec 
_entity.pdbx_mutation 
_entity.pdbx_fragment 
_entity.details 
1 polymer syn 
;DNA (5'-D(P*CP*GP*GP*GP*CP*GP*CP*CP*CP*G)-3')
;
1191.818 2 ? ? ? ? 
2 polymer syn 
;DNA (5'-D(P*CP*GP*GP*GP*CP*GP*CP*CP*CP*G)-3')
;
1191.818 2 ? ? ? ? 
3 water   nat water                                           18.015   5 ? ? ? ? 
# 
loop_
_entity_poly.entity_id 
_entity_poly.type 
_entity_poly.nstd_linkage 
_entity_poly.nstd_monomer 
_entity_poly.pdbx_seq_one_letter_code 
_entity_poly.pdbx_seq_one_letter_code_can 
_entity_poly.pdbx_strand_id 
_entity_poly.pdbx_target_identifier 
1 polydeoxyribonucleotide no no '(DC)(DG)(DC)(DG)' CGCG A,B ? 
2 polydeoxyribonucleotide no no '(DG)(DC)(DG)(DC)' GCGC C,D ? 
# 
_pdbx_entity_nonpoly.entity_id   3 
_pdbx_entity_nonpoly.name        water 
_pdbx_entity_nonpoly.comp_id     HOH 
# 
loop_
_entity_poly_seq.entity_id 
_entity_poly_seq.num 
_entity_poly_seq.mon_id 
_entity_poly_seq.hetero 
1 1 DC n 
1 2 DG n 
1 3 DC n 
1 4 DG n 
2 1 DG n 
2 2 DC n 
2 3 DG n 
2 4 DC n 
# 
loop_
_pdbx_entity_src_syn.entity_id 
_pdbx_entity_src_syn.pdbx_src_id 
_pdbx_entity_src_syn.pdbx_alt_source_flag 
_pdbx_entity_src_syn.pdbx_beg_seq_num 
_pdbx_entity_src_syn.pdbx_end_seq_num 
_pdbx_entity_src_syn.organism_scientific 
_pdbx_entity_src_syn.organism_common_name 
_pdbx_entity_src_syn.ncbi_taxonomy_id 
_pdbx_entity_src_syn.details 
1 1 sample ? ? ? ? ? 'Chemically synthesized' 
2 1 sample ? ? ? ? ? 'Chemically synthesized' 
# 
loop_
_chem_comp.id 
_chem_comp.type 
_chem_comp.mon_nstd_flag 
_chem_comp.name 
_chem_comp.pdbx_synonyms 
_chem_comp.formula 
_chem_comp.formula_weight 
DC  'DNA linking' y "2'-DEOXYCYTIDINE-5'-MONOPHOSPHATE"  ? 'C9 H14 N3 O7 P'  307.197 
DG  'DNA linking' y "2'-DEOXYGUANOSINE-5'-MONOPHOSPHATE" ? 'C10 H14 N5 O7 P' 347.221 
HOH non-polymer   . WATER                                ? 'H2 O'            18.015  
# 
loop_
_pdbx_poly_seq_scheme.asym_id 
_pdbx_poly_seq_scheme.entity_id 
_pdbx_poly_seq_scheme.seq_id 
_pdbx_poly_seq_scheme.mon_id 
_pdbx_poly_seq_scheme.ndb_seq_num 
_pdbx_poly_seq_scheme.pdb_seq_num 
_pdbx_poly_seq_scheme.auth_seq_num 
_pdbx_poly_seq_scheme.pdb_mon_id 
_pdbx_poly_seq_scheme.auth_mon_id 
_pdbx_poly_seq_scheme.pdb_strand_id 
_pdbx_poly_seq_scheme.pdb_ins_code 
_pdbx_poly_seq_scheme.hetero 
A 1 1 DC 1 1 1 DC C A . n 
A 1 2 DG 2 2 2 DG G A . n 
A 1 3 DC 3 3 3 DC C A . n 
A 1 4 DG 4 4 4 DG G A . n 
B 1 1 DC 1 1 1 DC C B . n 
B 1 2 DG 2 2 2 DG G B . n 
B 1 3 DC 3 3 3 DC C B . n 
B 1 4 DG 4 4 4 DG G B . n 
C 2 1 DG 1 1 1 DG G C . n 
C 2 2 DC 2 2 2 DC C C . n 
C 2 3 DG 3 3 3 DG G C . n 
C 2 4 DC 4 4 4 DC C C . n 
D 2 1 DG 1 1 1 DG G D . n 
D 2 2 DC 2 2 2 DC C D . n 
D 2 3 DG 3 3 3 DG G D . n 
D 2 4 DC 4 4 4 DC C D . n 
# 
loop_
_pdbx_nonpoly_scheme.asym_id 
_pdbx_nonpoly_scheme.entity_id 
_pdbx_nonpoly_scheme.mon_id 
_pdbx_nonpoly_scheme.ndb_seq_num 
_pdbx_nonpoly_scheme.pdb_seq_num 
_pdbx_nonpoly_scheme.auth_seq_num 
_pdbx_nonpoly_scheme.pdb_mon_id 
_pdbx_nonpoly_scheme.auth_mon_id 
_pdbx_nonpoly_scheme.pdb_strand_id 
_pdbx_nonpoly_scheme.pdb_ins_code 
E 3 HOH 1 5 5 HOH HOH A . 
F 3 HOH 1 5 3 HOH HOH B . 
F 3 HOH 2 6 4 HOH HOH B . 
G 3 HOH 1 5 2 HOH HOH C . 
G 3 HOH 2 6 1 HOH HOH C . 
# 
loop_
_software.name 
_software.classification 
_software.version 
_software.citation_id 
_software.pdbx_ordinal 
MAR345dtb 'data collection' .                          ? 1 
AMoRE     phasing           .                          ? 2 
PHENIX    refinement        '(phenix.refine: 1.6_289)' ? 3 
AUTOMAR   'data reduction'  .                          ? 4 
SCALEPACK 'data scaling'    .                          ? 5 
# 
_cell.entry_id           3TCI 
_cell.length_a           17.767 
_cell.length_b           17.767 
_cell.length_c           42.060 
_cell.angle_alpha        90.00 
_cell.angle_beta         90.00 
_cell.angle_gamma        120.00 
_cell.Z_PDB              6 
_cell.pdbx_unique_axis   ? 
_cell.length_a_esd       ? 
_cell.length_b_esd       ? 
_cell.length_c_esd       ? 
_cell.angle_alpha_esd    ? 
_cell.angle_beta_esd     ? 
_cell.angle_gamma_esd    ? 
# 
_symmetry.entry_id                         3TCI 
_symmetry.space_group_name_H-M             'P 32' 
_symmetry.pdbx_full_space_group_name_H-M   ? 
_symmetry.cell_setting                     ? 
_symmetry.Int_Tables_number                145 
_symmetry.space_group_name_Hall            ? 
# 
_exptl.entry_id          3TCI 
_exptl.method            'X-RAY DIFFRACTION' 
_exptl.crystals_number   1 
# 
_exptl_crystal.id                    1 
_exptl_crystal.density_meas          ? 
_exptl_crystal.density_Matthews      ? 
_exptl_crystal.density_percent_sol   ? 
_exptl_crystal.description           ? 
_exptl_crystal.F_000                 ? 
_exptl_crystal.preparation           ? 
# 
_exptl_crystal_grow.crystal_id      1 
_exptl_crystal_grow.method          'VAPOR DIFFUSION, HANGING DROP' 
_exptl_crystal_grow.temp            293 
_exptl_crystal_grow.temp_details    ? 
_exptl_crystal_grow.pH              7.0 
_exptl_crystal_grow.pdbx_details    
'1mM DNA, 2M MgCl2, 1mM spermine, 50% MPD , pH 7.0, VAPOR DIFFUSION, HANGING DROP, temperature 293K' 
_exptl_crystal_grow.pdbx_pH_range   . 
# 
_diffrn.id                     1 
_diffrn.ambient_temp           100 
_diffrn.ambient_temp_details   ? 
_diffrn.crystal_id             1 
# 
_diffrn_detector.diffrn_id              1 
_diffrn_detector.detector               'IMAGE PLATE' 
_diffrn_detector.type                   MARRESEARCH 
_diffrn_detector.pdbx_collection_date   2009-04-02 
_diffrn_detector.details                mirrors 
# 
_diffrn_radiation.diffrn_id                        1 
_diffrn_radiation.wavelength_id                    1 
_diffrn_radiation.pdbx_monochromatic_or_laue_m_l   M 
_diffrn_radiation.monochromator                    mirrors 
_diffrn_radiation.pdbx_diffrn_protocol             'SINGLE WAVELENGTH' 
_diffrn_radiation.pdbx_scattering_type             x-ray 
# 
_diffrn_radiation_wavelength.id           1 
_diffrn_radiation_wavelength.wavelength   1.5418 
_diffrn_radiation_wavelength.wt           1.0 
# 
_diffrn_source.diffrn_id                   1 
_diffrn_source.source                      'ROTATING ANODE' 
_diffrn_source.type                        'BRUKER AXS MICROSTAR' 
_diffrn_source.pdbx_synchrotron_site       ? 
_diffrn_source.pdbx_synchrotron_beamline   ? 
_diffrn_source.pdbx_wavelength             ? 
_diffrn_source.pdbx_wavelength_list        1.5418 
# 
_reflns.entry_id                     3TCI 
_reflns.observed_criterion_sigma_I   1.0 
_reflns.observed_criterion_sigma_F   1.0 
_reflns.d_resolution_low             30.0 
_reflns.d_resolution_high            2.41 
_reflns.number_obs                   579 
_reflns.number_all                   586 
_reflns.percent_possible_obs         98.8 
_reflns.pdbx_Rmerge_I_obs            0.061 
_reflns.pdbx_Rsym_value              0.053 
_reflns.pdbx_netI_over_sigmaI        4.4 
_reflns.B_iso_Wilson_estimate        54.506 
_reflns.pdbx_redundancy              3.41 
_reflns.R_free_details               ? 
_reflns.limit_h_max                  ? 
_reflns.limit_h_min                  ? 
_reflns.limit_k_max                  ? 
_reflns.limit_k_min                  ? 
_reflns.limit_l_max                  ? 
_reflns.limit_l_min                  ? 
_reflns.observed_criterion_F_max     ? 
_reflns.observed_criterion_F_min     ? 
_reflns.pdbx_chi_squared             ? 
_reflns.pdbx_scaling_rejects         ? 
_reflns.pdbx_ordinal                 1 
_reflns.pdbx_diffrn_id               1 
# 
_reflns_shell.d_res_high                  2.41 
_reflns_shell.d_res_low                   2.50 
_reflns_shell.percent_possible_all        96.9 
_reflns_shell.Rmerge_I_obs                0.271 
_reflns_shell.pdbx_Rsym_value             0.224 
_reflns_shell.meanI_over_sigI_obs         1.7 
_reflns_shell.pdbx_redundancy             3.51 
_reflns_shell.percent_possible_obs        ? 
_reflns_shell.number_unique_all           63 
_reflns_shell.number_measured_all         ? 
_reflns_shell.number_measured_obs         ? 
_reflns_shell.number_unique_obs           ? 
_reflns_shell.pdbx_chi_squared            ? 
_reflns_shell.pdbx_rejects                ? 
_reflns_shell.pdbx_netI_over_sigmaI_obs   ? 
_reflns_shell.number_possible             ? 
_reflns_shell.Rmerge_F_all                ? 
_reflns_shell.Rmerge_F_obs                ? 
_reflns_shell.Rmerge_I_all                ? 
_reflns_shell.meanI_over_sigI_all         ? 
_reflns_shell.pdbx_Rrim_I_all             ? 
_reflns_shell.pdbx_Rpim_I_all             ? 
_reflns_shell.pdbx_ordinal                1 
_reflns_shell.pdbx_diffrn_id              1 
# 
_refine.entry_id                                 3TCI 
_refine.ls_number_reflns_obs                     548 
_refine.ls_number_reflns_all                     586 
_refine.pdbx_ls_sigma_I                          ? 
_refine.pdbx_ls_sigma_F                          1.72 
_refine.pdbx_data_cutoff_high_absF               ? 
_refine.pdbx_data_cutoff_low_absF                ? 
_refine.pdbx_data_cutoff_high_rms_absF           ? 
_refine.ls_d_res_low                             15.387 
_refine.ls_d_res_high                            2.421 
_refine.ls_percent_reflns_obs                    95.47 
_refine.ls_R_factor_obs                          0.1838 
_refine.ls_R_factor_all                          0.1838 
_refine.ls_R_factor_R_work                       0.1830 
_refine.ls_R_factor_R_free                       0.1992 
_refine.ls_R_factor_R_free_error                 ? 
_refine.ls_R_factor_R_free_error_details         ? 
_refine.ls_percent_reflns_R_free                 2.92 
_refine.ls_number_reflns_R_free                  16 
_refine.ls_number_parameters                     ? 
_refine.ls_number_restraints                     ? 
_refine.occupancy_min                            ? 
_refine.occupancy_max                            ? 
_refine.correlation_coeff_Fo_to_Fc               ? 
_refine.correlation_coeff_Fo_to_Fc_free          ? 
_refine.B_iso_mean                               ? 
_refine.aniso_B[1][1]                            -0.4407 
_refine.aniso_B[2][2]                            -0.4407 
_refine.aniso_B[3][3]                            0.8815 
_refine.aniso_B[1][2]                            0.0000 
_refine.aniso_B[1][3]                            0.0000 
_refine.aniso_B[2][3]                            -0.0000 
_refine.solvent_model_details                    'FLAT BULK SOLVENT MODEL' 
_refine.solvent_model_param_ksol                 0.600 
_refine.solvent_model_param_bsol                 172.268 
_refine.pdbx_solvent_vdw_probe_radii             1.11 
_refine.pdbx_solvent_ion_probe_radii             ? 
_refine.pdbx_solvent_shrinkage_radii             0.90 
_refine.pdbx_ls_cross_valid_method               ? 
_refine.details                                  
;The sequence is d(CGGGCGCCCG). 
The molecule is placed in three-fold screw axis 
and form pseudo-continuous helix (Z-type) along c-axis. 
For this reason, the crystallographic asymmetric unit consist of two tetramers 
such as d(CGCG) in 80% and d(GCGC) in 20%.
;
_refine.pdbx_starting_model                      ? 
_refine.pdbx_method_to_determine_struct          'MOLECULAR REPLACEMENT' 
_refine.pdbx_isotropic_thermal_model             ? 
_refine.pdbx_stereochemistry_target_values       LS_WUNIT_K1 
_refine.pdbx_stereochem_target_val_spec_case     ? 
_refine.pdbx_R_Free_selection_details            Random 
_refine.pdbx_overall_ESU_R_Free                  ? 
_refine.overall_SU_ML                            0.33 
_refine.pdbx_overall_phase_error                 28.16 
_refine.overall_SU_B                             ? 
_refine.overall_SU_R_Cruickshank_DPI             ? 
_refine.ls_redundancy_reflns_obs                 ? 
_refine.B_iso_min                                ? 
_refine.B_iso_max                                ? 
_refine.overall_SU_R_free                        ? 
_refine.ls_wR_factor_R_free                      ? 
_refine.ls_wR_factor_R_work                      ? 
_refine.overall_FOM_free_R_set                   ? 
_refine.overall_FOM_work_R_set                   ? 
_refine.pdbx_diffrn_id                           1 
_refine.pdbx_refine_id                           'X-RAY DIFFRACTION' 
_refine.pdbx_overall_ESU_R                       ? 
_refine.pdbx_TLS_residual_ADP_flag               ? 
_refine.pdbx_overall_SU_R_free_Cruickshank_DPI   ? 
_refine.pdbx_overall_SU_R_Blow_DPI               ? 
_refine.pdbx_overall_SU_R_free_Blow_DPI          ? 
# 
_refine_hist.pdbx_refine_id                   'X-RAY DIFFRACTION' 
_refine_hist.cycle_id                         LAST 
_refine_hist.pdbx_number_atoms_protein        0 
_refine_hist.pdbx_number_atoms_nucleic_acid   322 
_refine_hist.pdbx_number_atoms_ligand         0 
_refine_hist.number_atoms_solvent             5 
_refine_hist.number_atoms_total               327 
_refine_hist.d_res_high                       2.421 
_refine_hist.d_res_low                        15.387 
# 
loop_
_refine_ls_restr.type 
_refine_ls_restr.dev_ideal 
_refine_ls_restr.dev_ideal_target 
_refine_ls_restr.weight 
_refine_ls_restr.number 
_refine_ls_restr.pdbx_restraint_function 
_refine_ls_restr.pdbx_refine_id 
f_bond_d           0.006  ? ? 358 ? 'X-RAY DIFFRACTION' 
f_angle_d          1.603  ? ? 544 ? 'X-RAY DIFFRACTION' 
f_dihedral_angle_d 31.156 ? ? 146 ? 'X-RAY DIFFRACTION' 
f_chiral_restr     0.060  ? ? 62  ? 'X-RAY DIFFRACTION' 
f_plane_restr      0.003  ? ? 16  ? 'X-RAY DIFFRACTION' 
# 
_refine_ls_shell.pdbx_refine_id                   'X-RAY DIFFRACTION' 
_refine_ls_shell.pdbx_total_number_of_bins_used   ? 
_refine_ls_shell.d_res_high                       2.4213 
_refine_ls_shell.d_res_low                        ? 
_refine_ls_shell.number_reflns_R_work             532 
_refine_ls_shell.R_factor_R_work                  0.1830 
_refine_ls_shell.percent_reflns_obs               95.00 
_refine_ls_shell.R_factor_R_free                  0.1992 
_refine_ls_shell.R_factor_R_free_error            ? 
_refine_ls_shell.percent_reflns_R_free            ? 
_refine_ls_shell.number_reflns_R_free             16 
_refine_ls_shell.number_reflns_all                ? 
_refine_ls_shell.R_factor_all                     ? 
_refine_ls_shell.number_reflns_obs                ? 
_refine_ls_shell.redundancy_reflns_obs            ? 
# 
_struct.entry_id                  3TCI 
_struct.title                     'Crystal structure of the decameric sequence d(CGGGCGCCCG) as Z type duplex' 
_struct.pdbx_model_details        ? 
_struct.pdbx_CASP_flag            ? 
_struct.pdbx_model_type_details   ? 
# 
_struct_keywords.entry_id        3TCI 
_struct_keywords.pdbx_keywords   DNA 
_struct_keywords.text            'Z-DNA duplex, DNA' 
# 
loop_
_struct_asym.id 
_struct_asym.pdbx_blank_PDB_chainid_flag 
_struct_asym.pdbx_modified 
_struct_asym.entity_id 
_struct_asym.details 
A N N 1 ? 
B N N 1 ? 
C N N 2 ? 
D N N 2 ? 
E N N 3 ? 
F N N 3 ? 
G N N 3 ? 
# 
loop_
_struct_ref.id 
_struct_ref.db_name 
_struct_ref.db_code 
_struct_ref.pdbx_db_accession 
_struct_ref.entity_id 
_struct_ref.pdbx_align_begin 
_struct_ref.pdbx_seq_one_letter_code 
_struct_ref.pdbx_db_isoform 
1 PDB 3TCI 3TCI 1 ? ? ? 
2 PDB 3TCI 3TCI 2 ? ? ? 
# 
loop_
_struct_ref_seq.align_id 
_struct_ref_seq.ref_id 
_struct_ref_seq.pdbx_PDB_id_code 
_struct_ref_seq.pdbx_strand_id 
_struct_ref_seq.seq_align_beg 
_struct_ref_seq.pdbx_seq_align_beg_ins_code 
_struct_ref_seq.seq_align_end 
_struct_ref_seq.pdbx_seq_align_end_ins_code 
_struct_ref_seq.pdbx_db_accession 
_struct_ref_seq.db_align_beg 
_struct_ref_seq.pdbx_db_align_beg_ins_code 
_struct_ref_seq.db_align_end 
_struct_ref_seq.pdbx_db_align_end_ins_code 
_struct_ref_seq.pdbx_auth_seq_align_beg 
_struct_ref_seq.pdbx_auth_seq_align_end 
1 1 3TCI A 1 ? 4 ? 3TCI 1 ? 4 ? 1 4 
2 1 3TCI B 1 ? 4 ? 3TCI 1 ? 4 ? 1 4 
3 2 3TCI C 1 ? 4 ? 3TCI 1 ? 4 ? 1 4 
4 2 3TCI D 1 ? 4 ? 3TCI 1 ? 4 ? 1 4 
# 
loop_
_pdbx_struct_assembly.id 
_pdbx_struct_assembly.details 
_pdbx_struct_assembly.method_details 
_pdbx_struct_assembly.oligomeric_details 
_pdbx_struct_assembly.oligomeric_count 
1 author_defined_assembly ? dimeric 2 
2 author_defined_assembly ? dimeric 2 
# 
loop_
_pdbx_struct_assembly_gen.assembly_id 
_pdbx_struct_assembly_gen.oper_expression 
_pdbx_struct_assembly_gen.asym_id_list 
1 1 A,B,E,F 
2 1 C,D,G   
# 
_pdbx_struct_oper_list.id                   1 
_pdbx_struct_oper_list.type                 'identity operation' 
_pdbx_struct_oper_list.name                 1_555 
_pdbx_struct_oper_list.symmetry_operation   x,y,z 
_pdbx_struct_oper_list.matrix[1][1]         1.0000000000 
_pdbx_struct_oper_list.matrix[1][2]         0.0000000000 
_pdbx_struct_oper_list.matrix[1][3]         0.0000000000 
_pdbx_struct_oper_list.vector[1]            0.0000000000 
_pdbx_struct_oper_list.matrix[2][1]         0.0000000000 
_pdbx_struct_oper_list.matrix[2][2]         1.0000000000 
_pdbx_struct_oper_list.matrix[2][3]         0.0000000000 
_pdbx_struct_oper_list.vector[2]            0.0000000000 
_pdbx_struct_oper_list.matrix[3][1]         0.0000000000 
_pdbx_struct_oper_list.matrix[3][2]         0.0000000000 
_pdbx_struct_oper_list.matrix[3][3]         1.0000000000 
_pdbx_struct_oper_list.vector[3]            0.0000000000 
# 
_struct_biol.id        1 
_struct_biol.details   ? 
# 
loop_
_struct_conn.id 
_struct_conn.conn_type_id 
_struct_conn.pdbx_leaving_atom_flag 
_struct_conn.pdbx_PDB_id 
_struct_conn.ptnr1_label_asym_id 
_struct_conn.ptnr1_label_comp_id 
_struct_conn.ptnr1_label_seq_id 
_struct_conn.ptnr1_label_atom_id 
_struct_conn.pdbx_ptnr1_label_alt_id 
_struct_conn.pdbx_ptnr1_PDB_ins_code 
_struct_conn.pdbx_ptnr1_standard_comp_id 
_struct_conn.ptnr1_symmetry 
_struct_conn.ptnr2_label_asym_id 
_struct_conn.ptnr2_label_comp_id 
_struct_conn.ptnr2_label_seq_id 
_struct_conn.ptnr2_label_atom_id 
_struct_conn.pdbx_ptnr2_label_alt_id 
_struct_conn.pdbx_ptnr2_PDB_ins_code 
_struct_conn.ptnr1_auth_asym_id 
_struct_conn.ptnr1_auth_comp_id 
_struct_conn.ptnr1_auth_seq_id 
_struct_conn.ptnr2_auth_asym_id 
_struct_conn.ptnr2_auth_comp_id 
_struct_conn.ptnr2_auth_seq_id 
_struct_conn.ptnr2_symmetry 
_struct_conn.pdbx_ptnr3_label_atom_id 
_struct_conn.pdbx_ptnr3_label_seq_id 
_struct_conn.pdbx_ptnr3_label_comp_id 
_struct_conn.pdbx_ptnr3_label_asym_id 
_struct_conn.pdbx_ptnr3_label_alt_id 
_struct_conn.pdbx_ptnr3_PDB_ins_code 
_struct_conn.details 
_struct_conn.pdbx_dist_value 
_struct_conn.pdbx_value_order 
_struct_conn.pdbx_role 
hydrog1  hydrog ? ? A DC 1 N3 A ? ? 1_555 B DG 4 N1 A ? A DC 1 B DG 4 1_555 ? ? ? ? ? ? WATSON-CRICK ? ? ? 
hydrog2  hydrog ? ? A DC 1 N4 A ? ? 1_555 B DG 4 O6 A ? A DC 1 B DG 4 1_555 ? ? ? ? ? ? WATSON-CRICK ? ? ? 
hydrog3  hydrog ? ? A DC 1 O2 A ? ? 1_555 B DG 4 N2 A ? A DC 1 B DG 4 1_555 ? ? ? ? ? ? WATSON-CRICK ? ? ? 
hydrog4  hydrog ? ? A DG 2 N1 A ? ? 1_555 B DC 3 N3 A ? A DG 2 B DC 3 1_555 ? ? ? ? ? ? WATSON-CRICK ? ? ? 
hydrog5  hydrog ? ? A DG 2 N2 A ? ? 1_555 B DC 3 O2 A ? A DG 2 B DC 3 1_555 ? ? ? ? ? ? WATSON-CRICK ? ? ? 
hydrog6  hydrog ? ? A DG 2 O6 A ? ? 1_555 B DC 3 N4 A ? A DG 2 B DC 3 1_555 ? ? ? ? ? ? WATSON-CRICK ? ? ? 
hydrog7  hydrog ? ? A DC 3 N3 A ? ? 1_555 B DG 2 N1 A ? A DC 3 B DG 2 1_555 ? ? ? ? ? ? WATSON-CRICK ? ? ? 
hydrog8  hydrog ? ? A DC 3 N4 A ? ? 1_555 B DG 2 O6 A ? A DC 3 B DG 2 1_555 ? ? ? ? ? ? WATSON-CRICK ? ? ? 
hydrog9  hydrog ? ? A DC 3 O2 A ? ? 1_555 B DG 2 N2 A ? A DC 3 B DG 2 1_555 ? ? ? ? ? ? WATSON-CRICK ? ? ? 
hydrog10 hydrog ? ? A DG 4 N1 A ? ? 1_555 B DC 1 N3 A ? A DG 4 B DC 1 1_555 ? ? ? ? ? ? WATSON-CRICK ? ? ? 
hydrog11 hydrog ? ? A DG 4 N2 A ? ? 1_555 B DC 1 O2 A ? A DG 4 B DC 1 1_555 ? ? ? ? ? ? WATSON-CRICK ? ? ? 
hydrog12 hydrog ? ? A DG 4 O6 A ? ? 1_555 B DC 1 N4 A ? A DG 4 B DC 1 1_555 ? ? ? ? ? ? WATSON-CRICK ? ? ? 
# 
_struct_conn_type.id          hydrog 
_struct_conn_type.criteria    ? 
_struct_conn_type.reference   ? 
# 
loop_
_pdbx_validate_rmsd_angle.id 
_pdbx_validate_rmsd_angle.PDB_model_num 
_pdbx_validate_rmsd_angle.auth_atom_id_1 
_pdbx_validate_rmsd_angle.auth_asym_id_1 
_pdbx_validate_rmsd_angle.auth_comp_id_1 
_pdbx_validate_rmsd_angle.auth_seq_id_1 
_pdbx_validate_rmsd_angle.PDB_ins_code_1 
_pdbx_validate_rmsd_angle.label_alt_id_1 
_pdbx_validate_rmsd_angle.auth_atom_id_2 
_pdbx_validate_rmsd_angle.auth_asym_id_2 
_pdbx_validate_rmsd_angle.auth_comp_id_2 
_pdbx_validate_rmsd_angle.auth_seq_id_2 
_pdbx_validate_rmsd_angle.PDB_ins_code_2 
_pdbx_validate_rmsd_angle.label_alt_id_2 
_pdbx_validate_rmsd_angle.auth_atom_id_3 
_pdbx_validate_rmsd_angle.auth_asym_id_3 
_pdbx_validate_rmsd_angle.auth_comp_id_3 
_pdbx_validate_rmsd_angle.auth_seq_id_3 
_pdbx_validate_rmsd_angle.PDB_ins_code_3 
_pdbx_validate_rmsd_angle.label_alt_id_3 
_pdbx_validate_rmsd_angle.angle_value 
_pdbx_validate_rmsd_angle.angle_target_value 
_pdbx_validate_rmsd_angle.angle_deviation 
_pdbx_validate_rmsd_angle.angle_standard_deviation 
_pdbx_validate_rmsd_angle.linker_flag 
1 1 "C4'" A DC 1 ? A "C3'" A DC 1 ? A "C2'" A DC 1 ? A 97.40  102.20 -4.80 0.70 N 
2 1 "O4'" A DC 3 ? A "C1'" A DC 3 ? A N1    A DC 3 ? A 113.94 108.30 5.64  0.30 N 
3 1 "C4'" B DC 1 ? A "C3'" B DC 1 ? A "C2'" B DC 1 ? A 97.10  102.20 -5.10 0.70 N 
4 1 "O4'" B DC 3 ? A "C1'" B DC 3 ? A N1    B DC 3 ? A 111.85 108.30 3.55  0.30 N 
5 1 "O4'" C DC 2 ? B "C1'" C DC 2 ? B N1    C DC 2 ? B 110.89 108.30 2.59  0.30 N 
6 1 "O4'" C DG 3 ? B "C1'" C DG 3 ? B N9    C DG 3 ? B 110.20 108.30 1.90  0.30 N 
7 1 "O4'" D DC 2 ? B "C1'" D DC 2 ? B N1    D DC 2 ? B 110.98 108.30 2.68  0.30 N 
# 
loop_
_chem_comp_atom.comp_id 
_chem_comp_atom.atom_id 
_chem_comp_atom.type_symbol 
_chem_comp_atom.pdbx_aromatic_flag 
_chem_comp_atom.pdbx_stereo_config 
_chem_comp_atom.pdbx_ordinal 
DC  OP3    O N N 1  
DC  P      P N N 2  
DC  OP1    O N N 3  
DC  OP2    O N N 4  
DC  "O5'"  O N N 5  
DC  "C5'"  C N N 6  
DC  "C4'"  C N R 7  
DC  "O4'"  O N N 8  
DC  "C3'"  C N S 9  
DC  "O3'"  O N N 10 
DC  "C2'"  C N N 11 
DC  "C1'"  C N R 12 
DC  N1     N N N 13 
DC  C2     C N N 14 
DC  O2     O N N 15 
DC  N3     N N N 16 
DC  C4     C N N 17 
DC  N4     N N N 18 
DC  C5     C N N 19 
DC  C6     C N N 20 
DC  HOP3   H N N 21 
DC  HOP2   H N N 22 
DC  "H5'"  H N N 23 
DC  "H5''" H N N 24 
DC  "H4'"  H N N 25 
DC  "H3'"  H N N 26 
DC  "HO3'" H N N 27 
DC  "H2'"  H N N 28 
DC  "H2''" H N N 29 
DC  "H1'"  H N N 30 
DC  H41    H N N 31 
DC  H42    H N N 32 
DC  H5     H N N 33 
DC  H6     H N N 34 
DG  OP3    O N N 35 
DG  P      P N N 36 
DG  OP1    O N N 37 
DG  OP2    O N N 38 
DG  "O5'"  O N N 39 
DG  "C5'"  C N N 40 
DG  "C4'"  C N R 41 
DG  "O4'"  O N N 42 
DG  "C3'"  C N S 43 
DG  "O3'"  O N N 44 
DG  "C2'"  C N N 45 
DG  "C1'"  C N R 46 
DG  N9     N Y N 47 
DG  C8     C Y N 48 
DG  N7     N Y N 49 
DG  C5     C Y N 50 
DG  C6     C N N 51 
DG  O6     O N N 52 
DG  N1     N N N 53 
DG  C2     C N N 54 
DG  N2     N N N 55 
DG  N3     N N N 56 
DG  C4     C Y N 57 
DG  HOP3   H N N 58 
DG  HOP2   H N N 59 
DG  "H5'"  H N N 60 
DG  "H5''" H N N 61 
DG  "H4'"  H N N 62 
DG  "H3'"  H N N 63 
DG  "HO3'" H N N 64 
DG  "H2'"  H N N 65 
DG  "H2''" H N N 66 
DG  "H1'"  H N N 67 
DG  H8     H N N 68 
DG  H1     H N N 69 
DG  H21    H N N 70 
DG  H22    H N N 71 
HOH O      O N N 72 
HOH H1     H N N 73 
HOH H2     H N N 74 
# 
loop_
_chem_comp_bond.comp_id 
_chem_comp_bond.atom_id_1 
_chem_comp_bond.atom_id_2 
_chem_comp_bond.value_order 
_chem_comp_bond.pdbx_aromatic_flag 
_chem_comp_bond.pdbx_stereo_config 
_chem_comp_bond.pdbx_ordinal 
DC  OP3   P      sing N N 1  
DC  OP3   HOP3   sing N N 2  
DC  P     OP1    doub N N 3  
DC  P     OP2    sing N N 4  
DC  P     "O5'"  sing N N 5  
DC  OP2   HOP2   sing N N 6  
DC  "O5'" "C5'"  sing N N 7  
DC  "C5'" "C4'"  sing N N 8  
DC  "C5'" "H5'"  sing N N 9  
DC  "C5'" "H5''" sing N N 10 
DC  "C4'" "O4'"  sing N N 11 
DC  "C4'" "C3'"  sing N N 12 
DC  "C4'" "H4'"  sing N N 13 
DC  "O4'" "C1'"  sing N N 14 
DC  "C3'" "O3'"  sing N N 15 
DC  "C3'" "C2'"  sing N N 16 
DC  "C3'" "H3'"  sing N N 17 
DC  "O3'" "HO3'" sing N N 18 
DC  "C2'" "C1'"  sing N N 19 
DC  "C2'" "H2'"  sing N N 20 
DC  "C2'" "H2''" sing N N 21 
DC  "C1'" N1     sing N N 22 
DC  "C1'" "H1'"  sing N N 23 
DC  N1    C2     sing N N 24 
DC  N1    C6     sing N N 25 
DC  C2    O2     doub N N 26 
DC  C2    N3     sing N N 27 
DC  N3    C4     doub N N 28 
DC  C4    N4     sing N N 29 
DC  C4    C5     sing N N 30 
DC  N4    H41    sing N N 31 
DC  N4    H42    sing N N 32 
DC  C5    C6     doub N N 33 
DC  C5    H5     sing N N 34 
DC  C6    H6     sing N N 35 
DG  OP3   P      sing N N 36 
DG  OP3   HOP3   sing N N 37 
DG  P     OP1    doub N N 38 
DG  P     OP2    sing N N 39 
DG  P     "O5'"  sing N N 40 
DG  OP2   HOP2   sing N N 41 
DG  "O5'" "C5'"  sing N N 42 
DG  "C5'" "C4'"  sing N N 43 
DG  "C5'" "H5'"  sing N N 44 
DG  "C5'" "H5''" sing N N 45 
DG  "C4'" "O4'"  sing N N 46 
DG  "C4'" "C3'"  sing N N 47 
DG  "C4'" "H4'"  sing N N 48 
DG  "O4'" "C1'"  sing N N 49 
DG  "C3'" "O3'"  sing N N 50 
DG  "C3'" "C2'"  sing N N 51 
DG  "C3'" "H3'"  sing N N 52 
DG  "O3'" "HO3'" sing N N 53 
DG  "C2'" "C1'"  sing N N 54 
DG  "C2'" "H2'"  sing N N 55 
DG  "C2'" "H2''" sing N N 56 
DG  "C1'" N9     sing N N 57 
DG  "C1'" "H1'"  sing N N 58 
DG  N9    C8     sing Y N 59 
DG  N9    C4     sing Y N 60 
DG  C8    N7     doub Y N 61 
DG  C8    H8     sing N N 62 
DG  N7    C5     sing Y N 63 
DG  C5    C6     sing N N 64 
DG  C5    C4     doub Y N 65 
DG  C6    O6     doub N N 66 
DG  C6    N1     sing N N 67 
DG  N1    C2     sing N N 68 
DG  N1    H1     sing N N 69 
DG  C2    N2     sing N N 70 
DG  C2    N3     doub N N 71 
DG  N2    H21    sing N N 72 
DG  N2    H22    sing N N 73 
DG  N3    C4     sing N N 74 
HOH O     H1     sing N N 75 
HOH O     H2     sing N N 76 
# 
_ndb_struct_conf_na.entry_id   3TCI 
_ndb_struct_conf_na.feature    'z-form double helix' 
# 
loop_
_ndb_struct_na_base_pair.model_number 
_ndb_struct_na_base_pair.i_label_asym_id 
_ndb_struct_na_base_pair.i_label_comp_id 
_ndb_struct_na_base_pair.i_label_seq_id 
_ndb_struct_na_base_pair.i_symmetry 
_ndb_struct_na_base_pair.j_label_asym_id 
_ndb_struct_na_base_pair.j_label_comp_id 
_ndb_struct_na_base_pair.j_label_seq_id 
_ndb_struct_na_base_pair.j_symmetry 
_ndb_struct_na_base_pair.shear 
_ndb_struct_na_base_pair.stretch 
_ndb_struct_na_base_pair.stagger 
_ndb_struct_na_base_pair.buckle 
_ndb_struct_na_base_pair.propeller 
_ndb_struct_na_base_pair.opening 
_ndb_struct_na_base_pair.pair_number 
_ndb_struct_na_base_pair.pair_name 
_ndb_struct_na_base_pair.i_auth_asym_id 
_ndb_struct_na_base_pair.i_auth_seq_id 
_ndb_struct_na_base_pair.i_PDB_ins_code 
_ndb_struct_na_base_pair.j_auth_asym_id 
_ndb_struct_na_base_pair.j_auth_seq_id 
_ndb_struct_na_base_pair.j_PDB_ins_code 
_ndb_struct_na_base_pair.hbond_type_28 
_ndb_struct_na_base_pair.hbond_type_12 
1 A DC 1 1_555 B DG 4 1_555 0.317  -0.133 0.398  -17.123 3.468  9.143 1 A_DC1:DG4_B A 1 ? B 4 ? 19 1 
1 A DG 2 1_555 B DC 3 1_555 -0.437 -0.262 0.828  10.603  9.896  6.582 2 A_DG2:DC3_B A 2 ? B 3 ? 19 1 
1 A DC 3 1_555 B DG 2 1_555 -0.451 -0.086 0.059  4.817   0.521  5.871 3 A_DC3:DG2_B A 3 ? B 2 ? 19 1 
1 A DG 4 1_555 B DC 1 1_555 0.904  -0.101 -0.265 -10.673 12.572 3.241 4 A_DG4:DC1_B A 4 ? B 1 ? 19 1 
# 
loop_
_ndb_struct_na_base_pair_step.model_number 
_ndb_struct_na_base_pair_step.i_label_asym_id_1 
_ndb_struct_na_base_pair_step.i_label_comp_id_1 
_ndb_struct_na_base_pair_step.i_label_seq_id_1 
_ndb_struct_na_base_pair_step.i_symmetry_1 
_ndb_struct_na_base_pair_step.j_label_asym_id_1 
_ndb_struct_na_base_pair_step.j_label_comp_id_1 
_ndb_struct_na_base_pair_step.j_label_seq_id_1 
_ndb_struct_na_base_pair_step.j_symmetry_1 
_ndb_struct_na_base_pair_step.i_label_asym_id_2 
_ndb_struct_na_base_pair_step.i_label_comp_id_2 
_ndb_struct_na_base_pair_step.i_label_seq_id_2 
_ndb_struct_na_base_pair_step.i_symmetry_2 
_ndb_struct_na_base_pair_step.j_label_asym_id_2 
_ndb_struct_na_base_pair_step.j_label_comp_id_2 
_ndb_struct_na_base_pair_step.j_label_seq_id_2 
_ndb_struct_na_base_pair_step.j_symmetry_2 
_ndb_struct_na_base_pair_step.shift 
_ndb_struct_na_base_pair_step.slide 
_ndb_struct_na_base_pair_step.rise 
_ndb_struct_na_base_pair_step.tilt 
_ndb_struct_na_base_pair_step.roll 
_ndb_struct_na_base_pair_step.twist 
_ndb_struct_na_base_pair_step.x_displacement 
_ndb_struct_na_base_pair_step.y_displacement 
_ndb_struct_na_base_pair_step.helical_rise 
_ndb_struct_na_base_pair_step.inclination 
_ndb_struct_na_base_pair_step.tip 
_ndb_struct_na_base_pair_step.helical_twist 
_ndb_struct_na_base_pair_step.step_number 
_ndb_struct_na_base_pair_step.step_name 
_ndb_struct_na_base_pair_step.i_auth_asym_id_1 
_ndb_struct_na_base_pair_step.i_auth_seq_id_1 
_ndb_struct_na_base_pair_step.i_PDB_ins_code_1 
_ndb_struct_na_base_pair_step.j_auth_asym_id_1 
_ndb_struct_na_base_pair_step.j_auth_seq_id_1 
_ndb_struct_na_base_pair_step.j_PDB_ins_code_1 
_ndb_struct_na_base_pair_step.i_auth_asym_id_2 
_ndb_struct_na_base_pair_step.i_auth_seq_id_2 
_ndb_struct_na_base_pair_step.i_PDB_ins_code_2 
_ndb_struct_na_base_pair_step.j_auth_asym_id_2 
_ndb_struct_na_base_pair_step.j_auth_seq_id_2 
_ndb_struct_na_base_pair_step.j_PDB_ins_code_2 
1 A DC 1 1_555 B DG 4 1_555 A DG 2 1_555 B DC 3 1_555 -0.163 5.104  3.354 0.044 22.262 -14.242 -12.246 -0.354 -2.462 -57.788 0.115 
-26.379 1 AA_DC1DG2:DC3DG4_BB A 1 ? B 4 ? A 2 ? B 3 ? 
1 A DG 2 1_555 B DC 3 1_555 A DC 3 1_555 B DG 2 1_555 -0.509 -1.644 3.620 9.771 -1.614 -45.217 2.247   0.281  3.592  2.070   
12.530 -46.233 2 AA_DG2DC3:DG2DC3_BB A 2 ? B 3 ? A 3 ? B 2 ? 
1 A DC 3 1_555 B DG 2 1_555 A DG 4 1_555 B DC 1 1_555 0.175  5.403  3.734 0.641 -8.775 -5.600  1.192   3.223  6.540  57.432  4.195 
-10.427 3 AA_DC3DG4:DC1DG2_BB A 3 ? B 2 ? A 4 ? B 1 ? 
# 
_atom_sites.entry_id                    3TCI 
_atom_sites.fract_transf_matrix[1][1]   0.06362280 
_atom_sites.fract_transf_matrix[1][2]   0.01131790 
_atom_sites.fract_transf_matrix[1][3]   0.00692268 
_atom_sites.fract_transf_matrix[2][1]   0.02488037 
_atom_sites.fract_transf_matrix[2][2]   0.05743636 
_atom_sites.fract_transf_matrix[2][3]   -0.01748891 
_atom_sites.fract_transf_matrix[3][1]   -0.00387097 
_atom_sites.fract_transf_matrix[3][2]   0.00835181 
_atom_sites.fract_transf_matrix[3][3]   0.02192170 
_atom_sites.fract_transf_vector[1]      0.000558 
_atom_sites.fract_transf_vector[2]      0.090388 
_atom_sites.fract_transf_vector[3]      0.000883 
# 
loop_
_atom_type.symbol 
C 
N 
O 
P 
# 
loop_
_atom_site.group_PDB 
_atom_site.id 
_atom_site.type_symbol 
_atom_site.label_atom_id 
_atom_site.label_alt_id 
_atom_site.label_comp_id 
_atom_site.label_asym_id 
_atom_site.label_entity_id 
_atom_site.label_seq_id 
_atom_site.pdbx_PDB_ins_code 
_atom_site.Cartn_x 
_atom_site.Cartn_y 
_atom_site.Cartn_z 
_atom_site.occupancy 
_atom_site.B_iso_or_equiv 
_atom_site.pdbx_formal_charge 
_atom_site.auth_seq_id 
_atom_site.auth_comp_id 
_atom_site.auth_asym_id 
_atom_site.auth_atom_id 
_atom_site.pdbx_PDB_model_num 
ATOM   1   P P     A DC  A 1 1 ? 3.477  4.545  -7.533 0.64 60.71 ? 1 DC  A P     1 
ATOM   2   O OP1   A DC  A 1 1 ? 2.724  5.669  -6.914 0.64 48.86 ? 1 DC  A OP1   1 
ATOM   3   O OP2   A DC  A 1 1 ? 4.907  4.690  -7.887 0.64 51.67 ? 1 DC  A OP2   1 
ATOM   4   O "O5'" A DC  A 1 1 ? 3.385  3.208  -6.656 0.80 44.64 ? 1 DC  A "O5'" 1 
ATOM   5   C "C5'" A DC  A 1 1 ? 4.361  2.162  -6.835 0.80 46.06 ? 1 DC  A "C5'" 1 
ATOM   6   C "C4'" A DC  A 1 1 ? 4.424  1.215  -5.645 0.80 45.48 ? 1 DC  A "C4'" 1 
ATOM   7   O "O4'" A DC  A 1 1 ? 3.112  1.107  -5.027 0.80 41.33 ? 1 DC  A "O4'" 1 
ATOM   8   C "C3'" A DC  A 1 1 ? 4.801  -0.227 -5.952 0.80 45.05 ? 1 DC  A "C3'" 1 
ATOM   9   O "O3'" A DC  A 1 1 ? 5.051  -0.883 -4.703 0.80 58.71 ? 1 DC  A "O3'" 1 
ATOM   10  C "C2'" A DC  A 1 1 ? 3.453  -0.668 -6.506 0.80 40.95 ? 1 DC  A "C2'" 1 
ATOM   11  C "C1'" A DC  A 1 1 ? 2.564  -0.153 -5.371 0.80 41.82 ? 1 DC  A "C1'" 1 
ATOM   12  N N1    A DC  A 1 1 ? 1.089  0.002  -5.650 0.80 36.90 ? 1 DC  A N1    1 
ATOM   13  C C2    A DC  A 1 1 ? 0.188  -0.917 -5.090 0.80 45.66 ? 1 DC  A C2    1 
ATOM   14  O O2    A DC  A 1 1 ? 0.607  -1.849 -4.391 0.80 48.48 ? 1 DC  A O2    1 
ATOM   15  N N3    A DC  A 1 1 ? -1.136 -0.777 -5.328 0.80 48.62 ? 1 DC  A N3    1 
ATOM   16  C C4    A DC  A 1 1 ? -1.565 0.227  -6.086 0.80 46.32 ? 1 DC  A C4    1 
ATOM   17  N N4    A DC  A 1 1 ? -2.887 0.290  -6.270 0.80 44.03 ? 1 DC  A N4    1 
ATOM   18  C C5    A DC  A 1 1 ? -0.673 1.184  -6.669 0.80 39.44 ? 1 DC  A C5    1 
ATOM   19  C C6    A DC  A 1 1 ? 0.634  1.034  -6.419 0.80 38.93 ? 1 DC  A C6    1 
ATOM   20  P P     A DG  A 1 2 ? 6.351  -1.773 -4.331 0.80 61.75 ? 2 DG  A P     1 
ATOM   21  O OP1   A DG  A 1 2 ? 7.022  -2.282 -5.554 0.80 56.72 ? 2 DG  A OP1   1 
ATOM   22  O OP2   A DG  A 1 2 ? 5.915  -2.727 -3.289 0.80 58.63 ? 2 DG  A OP2   1 
ATOM   23  O "O5'" A DG  A 1 2 ? 7.304  -0.738 -3.575 0.80 48.12 ? 2 DG  A "O5'" 1 
ATOM   24  C "C5'" A DG  A 1 2 ? 7.089  -0.515 -2.188 0.80 51.76 ? 2 DG  A "C5'" 1 
ATOM   25  C "C4'" A DG  A 1 2 ? 7.316  0.935  -1.795 0.80 45.24 ? 2 DG  A "C4'" 1 
ATOM   26  O "O4'" A DG  A 1 2 ? 6.400  1.798  -2.510 0.80 38.33 ? 2 DG  A "O4'" 1 
ATOM   27  C "C3'" A DG  A 1 2 ? 7.019  1.260  -0.339 0.80 39.95 ? 2 DG  A "C3'" 1 
ATOM   28  O "O3'" A DG  A 1 2 ? 8.112  0.823  0.468  0.80 34.36 ? 2 DG  A "O3'" 1 
ATOM   29  C "C2'" A DG  A 1 2 ? 6.815  2.781  -0.378 0.80 42.01 ? 2 DG  A "C2'" 1 
ATOM   30  C "C1'" A DG  A 1 2 ? 6.367  3.037  -1.830 0.80 42.60 ? 2 DG  A "C1'" 1 
ATOM   31  N N9    A DG  A 1 2 ? 5.027  3.613  -1.975 0.80 39.86 ? 2 DG  A N9    1 
ATOM   32  C C8    A DG  A 1 2 ? 4.717  4.941  -2.121 0.80 45.39 ? 2 DG  A C8    1 
ATOM   33  N N7    A DG  A 1 2 ? 3.435  5.175  -2.222 0.80 49.55 ? 2 DG  A N7    1 
ATOM   34  C C5    A DG  A 1 2 ? 2.842  3.922  -2.133 0.80 47.62 ? 2 DG  A C5    1 
ATOM   35  C C6    A DG  A 1 2 ? 1.465  3.550  -2.177 0.80 49.71 ? 2 DG  A C6    1 
ATOM   36  O O6    A DG  A 1 2 ? 0.460  4.279  -2.307 0.80 37.27 ? 2 DG  A O6    1 
ATOM   37  N N1    A DG  A 1 2 ? 1.321  2.162  -2.050 0.80 49.37 ? 2 DG  A N1    1 
ATOM   38  C C2    A DG  A 1 2 ? 2.366  1.265  -1.901 0.80 45.04 ? 2 DG  A C2    1 
ATOM   39  N N2    A DG  A 1 2 ? 2.053  -0.033 -1.788 0.80 43.37 ? 2 DG  A N2    1 
ATOM   40  N N3    A DG  A 1 2 ? 3.647  1.608  -1.862 0.80 43.27 ? 2 DG  A N3    1 
ATOM   41  C C4    A DG  A 1 2 ? 3.817  2.949  -1.983 0.80 45.75 ? 2 DG  A C4    1 
ATOM   42  P P     A DC  A 1 3 ? 8.093  -0.627 1.170  0.64 48.90 ? 3 DC  A P     1 
ATOM   43  O OP1   A DC  A 1 3 ? 9.339  -0.756 1.951  0.64 50.15 ? 3 DC  A OP1   1 
ATOM   44  O OP2   A DC  A 1 3 ? 7.741  -1.711 0.223  0.64 52.56 ? 3 DC  A OP2   1 
ATOM   45  O "O5'" A DC  A 1 3 ? 6.859  -0.394 2.156  0.80 48.00 ? 3 DC  A "O5'" 1 
ATOM   46  C "C5'" A DC  A 1 3 ? 6.353  -1.390 3.035  0.80 46.64 ? 3 DC  A "C5'" 1 
ATOM   47  C "C4'" A DC  A 1 3 ? 4.832  -1.311 3.156  0.80 44.09 ? 3 DC  A "C4'" 1 
ATOM   48  O "O4'" A DC  A 1 3 ? 4.324  0.053  3.242  0.80 42.65 ? 3 DC  A "O4'" 1 
ATOM   49  C "C3'" A DC  A 1 3 ? 4.099  -1.947 1.977  0.80 49.73 ? 3 DC  A "C3'" 1 
ATOM   50  O "O3'" A DC  A 1 3 ? 3.348  -3.052 2.417  0.80 47.60 ? 3 DC  A "O3'" 1 
ATOM   51  C "C2'" A DC  A 1 3 ? 3.168  -0.867 1.451  0.80 48.36 ? 3 DC  A "C2'" 1 
ATOM   52  C "C1'" A DC  A 1 3 ? 3.032  0.044  2.656  0.80 35.67 ? 3 DC  A "C1'" 1 
ATOM   53  N N1    A DC  A 1 3 ? 2.554  1.397  2.218  0.80 39.97 ? 3 DC  A N1    1 
ATOM   54  C C2    A DC  A 1 3 ? 1.203  1.525  1.858  0.80 41.02 ? 3 DC  A C2    1 
ATOM   55  O O2    A DC  A 1 3 ? 0.451  0.540  1.924  0.80 38.10 ? 3 DC  A O2    1 
ATOM   56  N N3    A DC  A 1 3 ? 0.738  2.730  1.454  0.80 40.37 ? 3 DC  A N3    1 
ATOM   57  C C4    A DC  A 1 3 ? 1.556  3.772  1.391  0.80 40.72 ? 3 DC  A C4    1 
ATOM   58  N N4    A DC  A 1 3 ? 1.024  4.924  0.979  0.80 43.52 ? 3 DC  A N4    1 
ATOM   59  C C5    A DC  A 1 3 ? 2.938  3.672  1.740  0.80 40.68 ? 3 DC  A C5    1 
ATOM   60  C C6    A DC  A 1 3 ? 3.392  2.476  2.147  0.80 43.22 ? 3 DC  A C6    1 
ATOM   61  P P     A DG  A 1 4 ? 4.148  -4.337 2.918  0.80 59.82 ? 4 DG  A P     1 
ATOM   62  O OP1   A DG  A 1 4 ? 5.185  -4.614 1.891  0.80 60.64 ? 4 DG  A OP1   1 
ATOM   63  O OP2   A DG  A 1 4 ? 3.154  -5.380 3.261  0.80 61.38 ? 4 DG  A OP2   1 
ATOM   64  O "O5'" A DG  A 1 4 ? 4.841  -3.840 4.279  0.80 49.58 ? 4 DG  A "O5'" 1 
ATOM   65  C "C5'" A DG  A 1 4 ? 4.213  -4.006 5.548  0.80 42.40 ? 4 DG  A "C5'" 1 
ATOM   66  C "C4'" A DG  A 1 4 ? 5.282  -3.838 6.603  0.80 36.58 ? 4 DG  A "C4'" 1 
ATOM   67  O "O4'" A DG  A 1 4 ? 6.179  -2.834 6.106  0.80 41.43 ? 4 DG  A "O4'" 1 
ATOM   68  C "C3'" A DG  A 1 4 ? 4.818  -3.341 7.956  0.80 34.56 ? 4 DG  A "C3'" 1 
ATOM   69  O "O3'" A DG  A 1 4 ? 4.694  -4.447 8.809  0.80 35.95 ? 4 DG  A "O3'" 1 
ATOM   70  C "C2'" A DG  A 1 4 ? 5.948  -2.444 8.436  0.80 38.02 ? 4 DG  A "C2'" 1 
ATOM   71  C "C1'" A DG  A 1 4 ? 6.619  -1.997 7.142  0.80 40.62 ? 4 DG  A "C1'" 1 
ATOM   72  N N9    A DG  A 1 4 ? 6.297  -0.631 6.759  0.80 40.86 ? 4 DG  A N9    1 
ATOM   73  C C8    A DG  A 1 4 ? 7.179  0.403  6.602  0.80 46.67 ? 4 DG  A C8    1 
ATOM   74  N N7    A DG  A 1 4 ? 6.612  1.527  6.267  0.80 52.83 ? 4 DG  A N7    1 
ATOM   75  C C5    A DG  A 1 4 ? 5.267  1.217  6.200  0.80 44.46 ? 4 DG  A C5    1 
ATOM   76  C C6    A DG  A 1 4 ? 4.170  2.048  5.880  0.80 49.36 ? 4 DG  A C6    1 
ATOM   77  O O6    A DG  A 1 4 ? 4.173  3.259  5.583  0.80 47.37 ? 4 DG  A O6    1 
ATOM   78  N N1    A DG  A 1 4 ? 2.978  1.324  5.938  0.80 44.51 ? 4 DG  A N1    1 
ATOM   79  C C2    A DG  A 1 4 ? 2.868  -0.011 6.258  0.80 37.26 ? 4 DG  A C2    1 
ATOM   80  N N2    A DG  A 1 4 ? 1.636  -0.532 6.255  0.80 37.69 ? 4 DG  A N2    1 
ATOM   81  N N3    A DG  A 1 4 ? 3.892  -0.793 6.551  0.80 42.16 ? 4 DG  A N3    1 
ATOM   82  C C4    A DG  A 1 4 ? 5.055  -0.110 6.502  0.80 43.41 ? 4 DG  A C4    1 
ATOM   83  O "O5'" A DC  B 1 1 ? -4.343 6.053  3.194  0.80 40.46 ? 1 DC  B "O5'" 1 
ATOM   84  C "C5'" A DC  B 1 1 ? -4.997 5.264  4.195  0.80 47.87 ? 1 DC  B "C5'" 1 
ATOM   85  C "C4'" A DC  B 1 1 ? -4.856 3.766  3.954  0.80 45.52 ? 1 DC  B "C4'" 1 
ATOM   86  O "O4'" A DC  B 1 1 ? -3.516 3.472  3.477  0.80 34.30 ? 1 DC  B "O4'" 1 
ATOM   87  C "C3'" A DC  B 1 1 ? -4.986 2.907  5.203  0.80 42.74 ? 1 DC  B "C3'" 1 
ATOM   88  O "O3'" A DC  B 1 1 ? -5.068 1.508  4.869  0.80 52.08 ? 1 DC  B "O3'" 1 
ATOM   89  C "C2'" A DC  B 1 1 ? -3.625 3.237  5.801  0.80 40.04 ? 1 DC  B "C2'" 1 
ATOM   90  C "C1'" A DC  B 1 1 ? -2.776 2.948  4.562  0.80 34.98 ? 1 DC  B "C1'" 1 
ATOM   91  N N1    A DC  B 1 1 ? -1.422 3.559  4.506  0.80 34.05 ? 1 DC  B N1    1 
ATOM   92  C C2    A DC  B 1 1 ? -0.323 2.927  5.081  0.80 35.17 ? 1 DC  B C2    1 
ATOM   93  O O2    A DC  B 1 1 ? -0.452 1.849  5.669  0.80 33.34 ? 1 DC  B O2    1 
ATOM   94  N N3    A DC  B 1 1 ? 0.880  3.524  4.977  0.80 40.29 ? 1 DC  B N3    1 
ATOM   95  C C4    A DC  B 1 1 ? 1.016  4.677  4.344  0.80 34.69 ? 1 DC  B C4    1 
ATOM   96  N N4    A DC  B 1 1 ? 2.243  5.191  4.290  0.80 47.84 ? 1 DC  B N4    1 
ATOM   97  C C5    A DC  B 1 1 ? -0.080 5.340  3.745  0.80 35.29 ? 1 DC  B C5    1 
ATOM   98  C C6    A DC  B 1 1 ? -1.266 4.739  3.845  0.80 47.19 ? 1 DC  B C6    1 
ATOM   99  P P     A DG  B 1 2 ? -6.418 0.788  4.362  0.80 52.23 ? 2 DG  B P     1 
ATOM   100 O OP1   A DG  B 1 2 ? -7.455 1.786  4.702  0.80 53.13 ? 2 DG  B OP1   1 
ATOM   101 O OP2   A DG  B 1 2 ? -6.495 -0.563 4.960  0.80 49.43 ? 2 DG  B OP2   1 
ATOM   102 O "O5'" A DG  B 1 2 ? -6.242 0.638  2.760  0.80 42.33 ? 2 DG  B "O5'" 1 
ATOM   103 C "C5'" A DG  B 1 2 ? -6.992 -0.275 1.914  0.80 35.63 ? 2 DG  B "C5'" 1 
ATOM   104 C "C4'" A DG  B 1 2 ? -7.575 0.529  0.766  0.80 37.10 ? 2 DG  B "C4'" 1 
ATOM   105 O "O4'" A DG  B 1 2 ? -7.210 1.874  1.131  0.80 29.92 ? 2 DG  B "O4'" 1 
ATOM   106 C "C3'" A DG  B 1 2 ? -7.020 0.383  -0.662 0.80 47.68 ? 2 DG  B "C3'" 1 
ATOM   107 O "O3'" A DG  B 1 2 ? -7.793 -0.403 -1.576 0.80 46.82 ? 2 DG  B "O3'" 1 
ATOM   108 C "C2'" A DG  B 1 2 ? -7.182 1.789  -1.229 0.80 47.62 ? 2 DG  B "C2'" 1 
ATOM   109 C "C1'" A DG  B 1 2 ? -7.239 2.689  -0.008 0.80 39.84 ? 2 DG  B "C1'" 1 
ATOM   110 N N9    A DG  B 1 2 ? -6.054 3.500  0.013  0.80 34.84 ? 2 DG  B N9    1 
ATOM   111 C C8    A DG  B 1 2 ? -5.958 4.829  -0.287 0.80 42.45 ? 2 DG  B C8    1 
ATOM   112 N N7    A DG  B 1 2 ? -4.733 5.275  -0.210 0.80 66.75 ? 2 DG  B N7    1 
ATOM   113 C C5    A DG  B 1 2 ? -3.977 4.163  0.160  0.80 52.47 ? 2 DG  B C5    1 
ATOM   114 C C6    A DG  B 1 2 ? -2.584 4.030  0.404  0.80 55.63 ? 2 DG  B C6    1 
ATOM   115 O O6    A DG  B 1 2 ? -1.699 4.901  0.340  0.80 60.11 ? 2 DG  B O6    1 
ATOM   116 N N1    A DG  B 1 2 ? -2.242 2.722  0.752  0.80 46.16 ? 2 DG  B N1    1 
ATOM   117 C C2    A DG  B 1 2 ? -3.132 1.677  0.849  0.80 50.59 ? 2 DG  B C2    1 
ATOM   118 N N2    A DG  B 1 2 ? -2.606 0.491  1.193  0.80 36.66 ? 2 DG  B N2    1 
ATOM   119 N N3    A DG  B 1 2 ? -4.443 1.787  0.630  0.80 50.57 ? 2 DG  B N3    1 
ATOM   120 C C4    A DG  B 1 2 ? -4.788 3.056  0.291  0.80 45.75 ? 2 DG  B C4    1 
ATOM   121 P P     A DC  B 1 3 ? -8.016 -1.984 -1.479 0.64 42.74 ? 3 DC  B P     1 
ATOM   122 O OP1   A DC  B 1 3 ? -9.059 -2.336 -2.471 0.64 40.82 ? 3 DC  B OP1   1 
ATOM   123 O OP2   A DC  B 1 3 ? -8.162 -2.370 -0.054 0.64 44.35 ? 3 DC  B OP2   1 
ATOM   124 O "O5'" A DC  B 1 3 ? -6.603 -2.523 -1.971 0.80 43.90 ? 3 DC  B "O5'" 1 
ATOM   125 C "C5'" A DC  B 1 3 ? -6.178 -3.817 -1.551 0.80 52.77 ? 3 DC  B "C5'" 1 
ATOM   126 C "C4'" A DC  B 1 3 ? -4.673 -3.875 -1.359 0.80 48.71 ? 3 DC  B "C4'" 1 
ATOM   127 O "O4'" A DC  B 1 3 ? -4.074 -2.795 -2.130 0.80 42.41 ? 3 DC  B "O4'" 1 
ATOM   128 C "C3'" A DC  B 1 3 ? -4.201 -3.719 0.091  0.80 47.87 ? 3 DC  B "C3'" 1 
ATOM   129 O "O3'" A DC  B 1 3 ? -3.103 -4.615 0.423  0.80 48.99 ? 3 DC  B "O3'" 1 
ATOM   130 C "C2'" A DC  B 1 3 ? -3.741 -2.259 0.099  0.80 44.66 ? 3 DC  B "C2'" 1 
ATOM   131 C "C1'" A DC  B 1 3 ? -3.132 -2.149 -1.299 0.80 41.55 ? 3 DC  B "C1'" 1 
ATOM   132 N N1    A DC  B 1 3 ? -2.806 -0.762 -1.793 0.80 39.55 ? 3 DC  B N1    1 
ATOM   133 C C2    A DC  B 1 3 ? -1.459 -0.421 -1.958 0.80 44.60 ? 3 DC  B C2    1 
ATOM   134 O O2    A DC  B 1 3 ? -0.571 -1.242 -1.697 0.80 43.84 ? 3 DC  B O2    1 
ATOM   135 N N3    A DC  B 1 3 ? -1.143 0.814  -2.397 0.80 48.51 ? 3 DC  B N3    1 
ATOM   136 C C4    A DC  B 1 3 ? -2.091 1.696  -2.671 0.80 41.01 ? 3 DC  B C4    1 
ATOM   137 N N4    A DC  B 1 3 ? -1.666 2.891  -3.095 0.80 43.78 ? 3 DC  B N4    1 
ATOM   138 C C5    A DC  B 1 3 ? -3.476 1.382  -2.517 0.80 36.10 ? 3 DC  B C5    1 
ATOM   139 C C6    A DC  B 1 3 ? -3.782 0.153  -2.081 0.80 44.87 ? 3 DC  B C6    1 
ATOM   140 P P     A DG  B 1 4 ? -3.255 -6.140 0.934  0.80 53.01 ? 4 DG  B P     1 
ATOM   141 O OP1   A DG  B 1 4 ? -4.091 -6.161 2.159  0.80 60.42 ? 4 DG  B OP1   1 
ATOM   142 O OP2   A DG  B 1 4 ? -1.939 -6.807 0.934  0.80 44.29 ? 4 DG  B OP2   1 
ATOM   143 O "O5'" A DG  B 1 4 ? -4.036 -6.824 -0.265 0.80 48.25 ? 4 DG  B "O5'" 1 
ATOM   144 C "C5'" A DG  B 1 4 ? -3.343 -7.333 -1.390 0.80 45.34 ? 4 DG  B "C5'" 1 
ATOM   145 C "C4'" A DG  B 1 4 ? -4.402 -7.827 -2.345 0.80 41.89 ? 4 DG  B "C4'" 1 
ATOM   146 O "O4'" A DG  B 1 4 ? -5.250 -6.697 -2.633 0.80 42.65 ? 4 DG  B "O4'" 1 
ATOM   147 C "C3'" A DG  B 1 4 ? -3.915 -8.277 -3.701 0.80 46.13 ? 4 DG  B "C3'" 1 
ATOM   148 O "O3'" A DG  B 1 4 ? -3.588 -9.662 -3.603 0.80 51.05 ? 4 DG  B "O3'" 1 
ATOM   149 C "C2'" A DG  B 1 4 ? -5.125 -7.980 -4.598 0.80 42.99 ? 4 DG  B "C2'" 1 
ATOM   150 C "C1'" A DG  B 1 4 ? -5.909 -6.891 -3.854 0.80 40.00 ? 4 DG  B "C1'" 1 
ATOM   151 N N9    A DG  B 1 4 ? -5.926 -5.593 -4.513 0.80 45.34 ? 4 DG  B N9    1 
ATOM   152 C C8    A DG  B 1 4 ? -6.947 -5.020 -5.232 0.80 44.79 ? 4 DG  B C8    1 
ATOM   153 N N7    A DG  B 1 4 ? -6.643 -3.841 -5.710 0.80 40.55 ? 4 DG  B N7    1 
ATOM   154 C C5    A DG  B 1 4 ? -5.337 -3.617 -5.276 0.80 41.30 ? 4 DG  B C5    1 
ATOM   155 C C6    A DG  B 1 4 ? -4.468 -2.513 -5.476 0.80 50.14 ? 4 DG  B C6    1 
ATOM   156 O O6    A DG  B 1 4 ? -4.684 -1.465 -6.107 0.80 49.98 ? 4 DG  B O6    1 
ATOM   157 N N1    A DG  B 1 4 ? -3.237 -2.708 -4.856 0.80 40.66 ? 4 DG  B N1    1 
ATOM   158 C C2    A DG  B 1 4 ? -2.896 -3.832 -4.146 0.80 41.87 ? 4 DG  B C2    1 
ATOM   159 N N2    A DG  B 1 4 ? -1.669 -3.866 -3.616 0.80 46.63 ? 4 DG  B N2    1 
ATOM   160 N N3    A DG  B 1 4 ? -3.697 -4.860 -3.944 0.80 40.79 ? 4 DG  B N3    1 
ATOM   161 C C4    A DG  B 1 4 ? -4.891 -4.687 -4.537 0.80 41.85 ? 4 DG  B C4    1 
ATOM   162 P P     B DG  C 2 1 ? 2.250  4.278  -6.835 0.16 42.73 ? 1 DG  C P     1 
ATOM   163 O OP1   B DG  C 2 1 ? 0.924  4.761  -6.384 0.16 33.39 ? 1 DG  C OP1   1 
ATOM   164 O OP2   B DG  C 2 1 ? 3.455  5.112  -6.626 0.16 50.57 ? 1 DG  C OP2   1 
ATOM   165 O "O5'" B DG  C 2 1 ? 2.527  2.840  -6.191 0.20 43.13 ? 1 DG  C "O5'" 1 
ATOM   166 C "C5'" B DG  C 2 1 ? 3.801  2.194  -6.302 0.20 44.37 ? 1 DG  C "C5'" 1 
ATOM   167 C "C4'" B DG  C 2 1 ? 4.033  1.322  -5.080 0.20 44.18 ? 1 DG  C "C4'" 1 
ATOM   168 O "O4'" B DG  C 2 1 ? 2.752  1.039  -4.467 0.20 41.72 ? 1 DG  C "O4'" 1 
ATOM   169 C "C3'" B DG  C 2 1 ? 4.596  -0.068 -5.317 0.20 47.17 ? 1 DG  C "C3'" 1 
ATOM   170 O "O3'" B DG  C 2 1 ? 4.914  -0.630 -4.045 0.20 50.75 ? 1 DG  C "O3'" 1 
ATOM   171 C "C2'" B DG  C 2 1 ? 3.355  -0.729 -5.901 0.20 42.91 ? 1 DG  C "C2'" 1 
ATOM   172 C "C1'" B DG  C 2 1 ? 2.312  -0.236 -4.898 0.20 43.11 ? 1 DG  C "C1'" 1 
ATOM   173 N N9    B DG  C 2 1 ? 0.949  -0.092 -5.409 0.20 39.78 ? 1 DG  C N9    1 
ATOM   174 C C8    B DG  C 2 1 ? 0.474  0.901  -6.229 0.20 39.97 ? 1 DG  C C8    1 
ATOM   175 N N7    B DG  C 2 1 ? -0.792 0.779  -6.517 0.20 41.36 ? 1 DG  C N7    1 
ATOM   176 C C5    B DG  C 2 1 ? -1.184 -0.368 -5.838 0.20 44.93 ? 1 DG  C C5    1 
ATOM   177 C C6    B DG  C 2 1 ? -2.447 -1.004 -5.766 0.20 42.81 ? 1 DG  C C6    1 
ATOM   178 O O6    B DG  C 2 1 ? -3.510 -0.675 -6.307 0.20 42.00 ? 1 DG  C O6    1 
ATOM   179 N N1    B DG  C 2 1 ? -2.412 -2.143 -4.969 0.20 41.43 ? 1 DG  C N1    1 
ATOM   180 C C2    B DG  C 2 1 ? -1.297 -2.612 -4.319 0.20 41.96 ? 1 DG  C C2    1 
ATOM   181 N N2    B DG  C 2 1 ? -1.460 -3.729 -3.597 0.20 45.48 ? 1 DG  C N2    1 
ATOM   182 N N3    B DG  C 2 1 ? -0.107 -2.028 -4.373 0.20 43.27 ? 1 DG  C N3    1 
ATOM   183 C C4    B DG  C 2 1 ? -0.124 -0.915 -5.148 0.20 44.64 ? 1 DG  C C4    1 
ATOM   184 P P     B DC  C 2 2 ? 6.207  -1.558 -3.798 0.20 53.99 ? 2 DC  C P     1 
ATOM   185 O OP1   B DC  C 2 2 ? 6.757  -1.979 -5.107 0.20 55.16 ? 2 DC  C OP1   1 
ATOM   186 O OP2   B DC  C 2 2 ? 5.832  -2.576 -2.793 0.20 53.66 ? 2 DC  C OP2   1 
ATOM   187 O "O5'" B DC  C 2 2 ? 7.236  -0.571 -3.079 0.20 48.98 ? 2 DC  C "O5'" 1 
ATOM   188 C "C5'" B DC  C 2 2 ? 7.003  -0.198 -1.725 0.20 48.97 ? 2 DC  C "C5'" 1 
ATOM   189 C "C4'" B DC  C 2 2 ? 7.263  1.281  -1.497 0.20 44.28 ? 2 DC  C "C4'" 1 
ATOM   190 O "O4'" B DC  C 2 2 ? 6.400  2.085  -2.335 0.20 40.92 ? 2 DC  C "O4'" 1 
ATOM   191 C "C3'" B DC  C 2 2 ? 6.958  1.770  -0.091 0.20 41.40 ? 2 DC  C "C3'" 1 
ATOM   192 O "O3'" B DC  C 2 2 ? 8.087  1.556  0.721  0.20 39.65 ? 2 DC  C "O3'" 1 
ATOM   193 C "C2'" B DC  C 2 2 ? 6.727  3.264  -0.295 0.20 42.56 ? 2 DC  C "C2'" 1 
ATOM   194 C "C1'" B DC  C 2 2 ? 6.317  3.377  -1.764 0.20 43.18 ? 2 DC  C "C1'" 1 
ATOM   195 N N1    B DC  C 2 2 ? 4.947  3.948  -1.936 0.20 41.63 ? 2 DC  C N1    1 
ATOM   196 C C2    B DC  C 2 2 ? 3.838  3.124  -2.164 0.20 44.87 ? 2 DC  C C2    1 
ATOM   197 O O2    B DC  C 2 2 ? 3.986  1.896  -2.230 0.20 43.76 ? 2 DC  C O2    1 
ATOM   198 N N3    B DC  C 2 2 ? 2.617  3.702  -2.306 0.20 46.28 ? 2 DC  C N3    1 
ATOM   199 C C4    B DC  C 2 2 ? 2.482  5.028  -2.227 0.20 43.77 ? 2 DC  C C4    1 
ATOM   200 N N4    B DC  C 2 2 ? 1.257  5.550  -2.374 0.20 36.54 ? 2 DC  C N4    1 
ATOM   201 C C5    B DC  C 2 2 ? 3.600  5.879  -1.994 0.20 46.76 ? 2 DC  C C5    1 
ATOM   202 C C6    B DC  C 2 2 ? 4.798  5.301  -1.853 0.20 45.31 ? 2 DC  C C6    1 
ATOM   203 P P     B DG  C 2 3 ? 8.086  0.387  1.815  0.16 41.87 ? 3 DG  C P     1 
ATOM   204 O OP1   B DG  C 2 3 ? 8.384  1.044  3.106  0.16 47.79 ? 3 DG  C OP1   1 
ATOM   205 O OP2   B DG  C 2 3 ? 8.940  -0.713 1.313  0.16 46.47 ? 3 DG  C OP2   1 
ATOM   206 O "O5'" B DG  C 2 3 ? 6.585  -0.156 1.852  0.20 46.82 ? 3 DG  C "O5'" 1 
ATOM   207 C "C5'" B DG  C 2 3 ? 6.264  -1.200 2.766  0.20 46.02 ? 3 DG  C "C5'" 1 
ATOM   208 C "C4'" B DG  C 2 3 ? 4.785  -1.208 3.114  0.20 44.30 ? 3 DG  C "C4'" 1 
ATOM   209 O "O4'" B DG  C 2 3 ? 4.307  0.153  3.268  0.20 42.83 ? 3 DG  C "O4'" 1 
ATOM   210 C "C3'" B DG  C 2 3 ? 3.880  -1.872 2.079  0.20 48.53 ? 3 DG  C "C3'" 1 
ATOM   211 O "O3'" B DG  C 2 3 ? 3.060  -2.847 2.709  0.20 47.51 ? 3 DG  C "O3'" 1 
ATOM   212 C "C2'" B DG  C 2 3 ? 3.041  -0.726 1.526  0.20 47.17 ? 3 DG  C "C2'" 1 
ATOM   213 C "C1'" B DG  C 2 3 ? 3.013  0.228  2.711  0.20 37.60 ? 3 DG  C "C1'" 1 
ATOM   214 N N9    B DG  C 2 3 ? 2.706  1.604  2.332  0.20 41.06 ? 3 DG  C N9    1 
ATOM   215 C C8    B DG  C 2 3 ? 3.552  2.689  2.314  0.20 42.78 ? 3 DG  C C8    1 
ATOM   216 N N7    B DG  C 2 3 ? 2.971  3.790  1.922  0.20 41.13 ? 3 DG  C N7    1 
ATOM   217 C C5    B DG  C 2 3 ? 1.658  3.411  1.662  0.20 41.10 ? 3 DG  C C5    1 
ATOM   218 C C6    B DG  C 2 3 ? 0.553  4.170  1.208  0.20 41.24 ? 3 DG  C C6    1 
ATOM   219 O O6    B DG  C 2 3 ? 0.505  5.376  0.933  0.20 42.88 ? 3 DG  C O6    1 
ATOM   220 N N1    B DG  C 2 3 ? -0.593 3.392  1.078  0.20 41.92 ? 3 DG  C N1    1 
ATOM   221 C C2    B DG  C 2 3 ? -0.665 2.047  1.352  0.20 41.59 ? 3 DG  C C2    1 
ATOM   222 N N2    B DG  C 2 3 ? -1.856 1.460  1.168  0.20 41.19 ? 3 DG  C N2    1 
ATOM   223 N N3    B DG  C 2 3 ? 0.360  1.323  1.777  0.20 41.45 ? 3 DG  C N3    1 
ATOM   224 C C4    B DG  C 2 3 ? 1.484  2.069  1.908  0.20 41.24 ? 3 DG  C C4    1 
ATOM   225 P P     B DC  C 2 4 ? 3.660  -4.289 3.077  0.20 52.35 ? 4 DC  C P     1 
ATOM   226 O OP1   B DC  C 2 4 ? 4.443  -4.751 1.908  0.20 53.43 ? 4 DC  C OP1   1 
ATOM   227 O OP2   B DC  C 2 4 ? 2.548  -5.117 3.593  0.20 55.05 ? 4 DC  C OP2   1 
ATOM   228 O "O5'" B DC  C 2 4 ? 4.649  -3.993 4.302  0.20 48.32 ? 4 DC  C "O5'" 1 
ATOM   229 C "C5'" B DC  C 2 4 ? 4.142  -3.915 5.632  0.20 42.57 ? 4 DC  C "C5'" 1 
ATOM   230 C "C4'" B DC  C 2 4 ? 5.281  -3.712 6.614  0.20 37.28 ? 4 DC  C "C4'" 1 
ATOM   231 O "O4'" B DC  C 2 4 ? 6.129  -2.653 6.115  0.20 41.31 ? 4 DC  C "O4'" 1 
ATOM   232 C "C3'" B DC  C 2 4 ? 4.877  -3.254 8.008  0.20 35.11 ? 4 DC  C "C3'" 1 
ATOM   233 O "O3'" B DC  C 2 4 ? 4.606  -4.367 8.849  0.20 36.29 ? 4 DC  C "O3'" 1 
ATOM   234 C "C2'" B DC  C 2 4 ? 6.121  -2.512 8.483  0.20 38.63 ? 4 DC  C "C2'" 1 
ATOM   235 C "C1'" B DC  C 2 4 ? 6.681  -1.923 7.191  0.20 40.69 ? 4 DC  C "C1'" 1 
ATOM   236 N N1    B DC  C 2 4 ? 6.382  -0.471 7.012  0.20 41.95 ? 4 DC  C N1    1 
ATOM   237 C C2    B DC  C 2 4 ? 5.207  -0.056 6.376  0.20 43.00 ? 4 DC  C C2    1 
ATOM   238 O O2    B DC  C 2 4 ? 4.407  -0.900 5.959  0.20 41.55 ? 4 DC  C O2    1 
ATOM   239 N N3    B DC  C 2 4 ? 4.972  1.271  6.235  0.20 44.18 ? 4 DC  C N3    1 
ATOM   240 C C4    B DC  C 2 4 ? 5.852  2.159  6.697  0.20 43.32 ? 4 DC  C C4    1 
ATOM   241 N N4    B DC  C 2 4 ? 5.575  3.455  6.531  0.20 39.18 ? 4 DC  C N4    1 
ATOM   242 C C5    B DC  C 2 4 ? 7.055  1.758  7.348  0.20 43.30 ? 4 DC  C C5    1 
ATOM   243 C C6    B DC  C 2 4 ? 7.274  0.447  7.482  0.20 43.35 ? 4 DC  C C6    1 
ATOM   244 O "O5'" B DG  D 2 1 ? -4.335 6.312  2.963  0.20 41.15 ? 1 DG  D "O5'" 1 
ATOM   245 C "C5'" B DG  D 2 1 ? -4.776 5.394  3.962  0.20 45.86 ? 1 DG  D "C5'" 1 
ATOM   246 C "C4'" B DG  D 2 1 ? -4.449 3.961  3.579  0.20 43.42 ? 1 DG  D "C4'" 1 
ATOM   247 O "O4'" B DG  D 2 1 ? -3.050 3.868  3.203  0.20 37.87 ? 1 DG  D "O4'" 1 
ATOM   248 C "C3'" B DG  D 2 1 ? -4.613 2.940  4.695  0.20 42.59 ? 1 DG  D "C3'" 1 
ATOM   249 O "O3'" B DG  D 2 1 ? -4.687 1.634  4.137  0.20 43.80 ? 1 DG  D "O3'" 1 
ATOM   250 C "C2'" B DG  D 2 1 ? -3.285 3.132  5.413  0.20 40.38 ? 1 DG  D "C2'" 1 
ATOM   251 C "C1'" B DG  D 2 1 ? -2.370 3.116  4.192  0.20 37.89 ? 1 DG  D "C1'" 1 
ATOM   252 N N9    B DG  D 2 1 ? -1.044 3.690  4.398  0.20 37.29 ? 1 DG  D N9    1 
ATOM   253 C C8    B DG  D 2 1 ? -0.628 4.956  4.061  0.20 40.18 ? 1 DG  D C8    1 
ATOM   254 N N7    B DG  D 2 1 ? 0.617  5.191  4.357  0.20 36.47 ? 1 DG  D N7    1 
ATOM   255 C C5    B DG  D 2 1 ? 1.061  4.003  4.921  0.20 39.87 ? 1 DG  D C5    1 
ATOM   256 C C6    B DG  D 2 1 ? 2.334  3.657  5.433  0.20 42.19 ? 1 DG  D C6    1 
ATOM   257 O O6    B DG  D 2 1 ? 3.359  4.353  5.494  0.20 40.38 ? 1 DG  D O6    1 
ATOM   258 N N1    B DG  D 2 1 ? 2.353  2.349  5.914  0.20 42.79 ? 1 DG  D N1    1 
ATOM   259 C C2    B DG  D 2 1 ? 1.284  1.486  5.902  0.20 38.37 ? 1 DG  D C2    1 
ATOM   260 N N2    B DG  D 2 1 ? 1.500  0.264  6.409  0.20 39.21 ? 1 DG  D N2    1 
ATOM   261 N N3    B DG  D 2 1 ? 0.087  1.798  5.425  0.20 36.62 ? 1 DG  D N3    1 
ATOM   262 C C4    B DG  D 2 1 ? 0.049  3.068  4.953  0.20 37.76 ? 1 DG  D C4    1 
ATOM   263 P P     B DC  D 2 2 ? -6.096 0.935  3.807  0.20 46.73 ? 2 DC  D P     1 
ATOM   264 O OP1   B DC  D 2 2 ? -7.127 1.994  3.779  0.20 45.59 ? 2 DC  D OP1   1 
ATOM   265 O OP2   B DC  D 2 2 ? -6.257 -0.226 4.712  0.20 46.99 ? 2 DC  D OP2   1 
ATOM   266 O "O5'" B DC  D 2 2 ? -5.874 0.382  2.322  0.20 42.60 ? 2 DC  D "O5'" 1 
ATOM   267 C "C5'" B DC  D 2 2 ? -6.964 -0.127 1.569  0.20 38.31 ? 2 DC  D "C5'" 1 
ATOM   268 C "C4'" B DC  D 2 2 ? -7.513 0.937  0.636  0.20 39.24 ? 2 DC  D "C4'" 1 
ATOM   269 O "O4'" B DC  D 2 2 ? -6.895 2.213  0.933  0.20 35.97 ? 2 DC  D "O4'" 1 
ATOM   270 C "C3'" B DC  D 2 2 ? -7.231 0.741  -0.847 0.20 45.36 ? 2 DC  D "C3'" 1 
ATOM   271 O "O3'" B DC  D 2 2 ? -8.183 -0.121 -1.455 0.20 47.33 ? 2 DC  D "O3'" 1 
ATOM   272 C "C2'" B DC  D 2 2 ? -7.446 2.155  -1.371 0.20 45.07 ? 2 DC  D "C2'" 1 
ATOM   273 C "C1'" B DC  D 2 2 ? -6.983 3.038  -0.215 0.20 41.12 ? 2 DC  D "C1'" 1 
ATOM   274 N N1    B DC  D 2 2 ? -5.670 3.675  -0.515 0.20 42.43 ? 2 DC  D N1    1 
ATOM   275 C C2    B DC  D 2 2 ? -4.482 3.134  -0.018 0.20 45.63 ? 2 DC  D C2    1 
ATOM   276 O O2    B DC  D 2 2 ? -4.531 2.122  0.692  0.20 47.44 ? 2 DC  D O2    1 
ATOM   277 N N3    B DC  D 2 2 ? -3.308 3.746  -0.329 0.20 47.55 ? 2 DC  D N3    1 
ATOM   278 C C4    B DC  D 2 2 ? -3.296 4.839  -1.099 0.20 42.56 ? 2 DC  D C4    1 
ATOM   279 N N4    B DC  D 2 2 ? -2.118 5.408  -1.379 0.20 39.90 ? 2 DC  D N4    1 
ATOM   280 C C5    B DC  D 2 2 ? -4.497 5.399  -1.618 0.20 42.57 ? 2 DC  D C5    1 
ATOM   281 C C6    B DC  D 2 2 ? -5.642 4.787  -1.304 0.20 44.89 ? 2 DC  D C6    1 
ATOM   282 P P     B DG  D 2 3 ? -7.953 -1.703 -1.616 0.16 42.65 ? 3 DG  D P     1 
ATOM   283 O OP1   B DG  D 2 3 ? -8.945 -2.174 -2.608 0.16 41.63 ? 3 DG  D OP1   1 
ATOM   284 O OP2   B DG  D 2 3 ? -7.922 -2.306 -0.265 0.16 44.37 ? 3 DG  D OP2   1 
ATOM   285 O "O5'" B DG  D 2 3 ? -6.490 -1.844 -2.240 0.20 41.45 ? 3 DG  D "O5'" 1 
ATOM   286 C "C5'" B DG  D 2 3 ? -6.026 -3.147 -2.578 0.20 45.94 ? 3 DG  D "C5'" 1 
ATOM   287 C "C4'" B DG  D 2 3 ? -4.624 -3.435 -2.063 0.20 44.39 ? 3 DG  D "C4'" 1 
ATOM   288 O "O4'" B DG  D 2 3 ? -3.713 -2.417 -2.554 0.20 43.40 ? 3 DG  D "O4'" 1 
ATOM   289 C "C3'" B DG  D 2 3 ? -4.453 -3.451 -0.547 0.20 46.66 ? 3 DG  D "C3'" 1 
ATOM   290 O "O3'" B DG  D 2 3 ? -3.431 -4.378 -0.199 0.20 49.02 ? 3 DG  D "O3'" 1 
ATOM   291 C "C2'" B DG  D 2 3 ? -3.996 -2.023 -0.275 0.20 44.90 ? 3 DG  D "C2'" 1 
ATOM   292 C "C1'" B DG  D 2 3 ? -3.050 -1.829 -1.455 0.20 42.20 ? 3 DG  D "C1'" 1 
ATOM   293 N N9    B DG  D 2 3 ? -2.747 -0.437 -1.778 0.20 41.57 ? 3 DG  D N9    1 
ATOM   294 C C8    B DG  D 2 3 ? -3.629 0.551  -2.144 0.20 43.02 ? 3 DG  D C8    1 
ATOM   295 N N7    B DG  D 2 3 ? -3.053 1.698  -2.374 0.20 40.18 ? 3 DG  D N7    1 
ATOM   296 C C5    B DG  D 2 3 ? -1.703 1.456  -2.149 0.20 43.49 ? 3 DG  D C5    1 
ATOM   297 C C6    B DG  D 2 3 ? -0.585 2.323  -2.240 0.20 41.88 ? 3 DG  D C6    1 
ATOM   298 O O6    B DG  D 2 3 ? -0.563 3.521  -2.550 0.20 37.58 ? 3 DG  D O6    1 
ATOM   299 N N1    B DG  D 2 3 ? 0.602  1.666  -1.927 0.20 44.91 ? 3 DG  D N1    1 
ATOM   300 C C2    B DG  D 2 3 ? 0.703  0.342  -1.569 0.20 43.64 ? 3 DG  D C2    1 
ATOM   301 N N2    B DG  D 2 3 ? 1.936  -0.113 -1.303 0.20 42.83 ? 3 DG  D N2    1 
ATOM   302 N N3    B DG  D 2 3 ? -0.335 -0.480 -1.480 0.20 43.44 ? 3 DG  D N3    1 
ATOM   303 C C4    B DG  D 2 3 ? -1.500 0.144  -1.782 0.20 44.45 ? 3 DG  D C4    1 
ATOM   304 P P     B DC  D 2 4 ? -3.715 -5.642 0.754  0.20 50.30 ? 4 DC  D P     1 
ATOM   305 O OP1   B DC  D 2 4 ? -4.752 -5.267 1.742  0.20 50.31 ? 4 DC  D OP1   1 
ATOM   306 O OP2   B DC  D 2 4 ? -2.407 -6.162 1.211  0.20 48.75 ? 4 DC  D OP2   1 
ATOM   307 O "O5'" B DC  D 2 4 ? -4.334 -6.712 -0.257 0.20 47.77 ? 4 DC  D "O5'" 1 
ATOM   308 C "C5'" B DC  D 2 4 ? -3.643 -7.065 -1.448 0.20 45.83 ? 4 DC  D "C5'" 1 
ATOM   309 C "C4'" B DC  D 2 4 ? -4.632 -7.609 -2.460 0.20 43.23 ? 4 DC  D "C4'" 1 
ATOM   310 O "O4'" B DC  D 2 4 ? -5.482 -6.532 -2.911 0.20 42.46 ? 4 DC  D "O4'" 1 
ATOM   311 C "C3'" B DC  D 2 4 ? -4.025 -8.167 -3.736 0.20 45.60 ? 4 DC  D "C3'" 1 
ATOM   312 O "O3'" B DC  D 2 4 ? -3.758 -9.552 -3.553 0.20 49.83 ? 4 DC  D "O3'" 1 
ATOM   313 C "C2'" B DC  D 2 4 ? -5.109 -7.924 -4.791 0.20 42.93 ? 4 DC  D "C2'" 1 
ATOM   314 C "C1'" B DC  D 2 4 ? -6.045 -6.895 -4.151 0.20 41.62 ? 4 DC  D "C1'" 1 
ATOM   315 N N1    B DC  D 2 4 ? -6.245 -5.649 -4.951 0.20 44.49 ? 4 DC  D N1    1 
ATOM   316 C C2    B DC  D 2 4 ? -5.195 -4.732 -5.104 0.20 43.37 ? 4 DC  D C2    1 
ATOM   317 O O2    B DC  D 2 4 ? -4.101 -4.960 -4.572 0.20 43.00 ? 4 DC  D O2    1 
ATOM   318 N N3    B DC  D 2 4 ? -5.408 -3.608 -5.832 0.20 41.52 ? 4 DC  D N3    1 
ATOM   319 C C4    B DC  D 2 4 ? -6.598 -3.388 -6.392 0.20 40.85 ? 4 DC  D C4    1 
ATOM   320 N N4    B DC  D 2 4 ? -6.753 -2.265 -7.102 0.20 38.38 ? 4 DC  D N4    1 
ATOM   321 C C5    B DC  D 2 4 ? -7.680 -4.308 -6.248 0.20 41.73 ? 4 DC  D C5    1 
ATOM   322 C C6    B DC  D 2 4 ? -7.460 -5.412 -5.526 0.20 43.20 ? 4 DC  D C6    1 
HETATM 323 O O     . HOH E 3 . ? 0.213  -2.402 5.124  1.00 34.03 ? 5 HOH A O     1 
HETATM 324 O O     . HOH F 3 . ? -2.772 -9.341 0.122  1.00 41.57 ? 5 HOH B O     1 
HETATM 325 O O     . HOH F 3 . ? -7.122 -3.062 2.298  1.00 41.88 ? 6 HOH B O     1 
HETATM 326 O O     . HOH G 3 . ? 6.813  5.607  6.936  1.00 33.15 ? 5 HOH C O     1 
HETATM 327 O O     . HOH G 3 . ? 7.162  0.718  -8.528 1.00 25.09 ? 6 HOH C O     1 
# 
